data_6B8V
#
_entry.id   6B8V
#
_cell.length_a   87.680
_cell.length_b   87.680
_cell.length_c   173.640
_cell.angle_alpha   90.00
_cell.angle_beta   90.00
_cell.angle_gamma   120.00
#
_symmetry.space_group_name_H-M   'P 31 1 2'
#
loop_
_entity.id
_entity.type
_entity.pdbx_description
1 polymer 'Adenylylsulfate kinase'
2 non-polymer GLYCEROL
3 water water
#
_entity_poly.entity_id   1
_entity_poly.type   'polypeptide(L)'
_entity_poly.pdbx_seq_one_letter_code
;MAHHHHHHMATNITFHPGAVTQDERDTLLGQKGCTVWLTGLSASGKSTIATALEQHLLHKKLHAYRLDGDNIRFGLNKDL
GFDQASRVENIRRIGEVSLLFALSSTISVTAFISPYISDRQLARELHEKHSSAIPFIEVFIDAPLSVVEQRDPKGLYKKA
RAGEIKDFTGISAPYEAPANPEIHIRTDEVDVAGAVEIITKYLADNGLIPA
;
_entity_poly.pdbx_strand_id   A,B,C
#
# COMPACT_ATOMS: atom_id res chain seq x y z
N ALA A 19 11.56 4.80 3.52
CA ALA A 19 10.25 4.28 3.90
C ALA A 19 9.22 4.40 2.77
N VAL A 20 8.22 3.53 2.80
CA VAL A 20 7.24 3.40 1.72
C VAL A 20 6.27 4.57 1.78
N THR A 21 5.92 5.11 0.61
CA THR A 21 4.95 6.20 0.56
C THR A 21 3.53 5.64 0.48
N GLN A 22 2.56 6.53 0.73
CA GLN A 22 1.17 6.09 0.73
C GLN A 22 0.74 5.56 -0.63
N ASP A 23 1.11 6.26 -1.71
CA ASP A 23 0.68 5.80 -3.04
C ASP A 23 1.34 4.48 -3.42
N GLU A 24 2.60 4.29 -3.03
CA GLU A 24 3.25 3.01 -3.30
C GLU A 24 2.58 1.85 -2.55
N ARG A 25 2.18 2.08 -1.28
CA ARG A 25 1.49 1.03 -0.53
C ARG A 25 0.20 0.62 -1.19
N ASP A 26 -0.62 1.60 -1.60
CA ASP A 26 -1.87 1.29 -2.28
C ASP A 26 -1.63 0.52 -3.58
N THR A 27 -0.63 0.96 -4.36
CA THR A 27 -0.32 0.26 -5.60
C THR A 27 0.10 -1.17 -5.31
N LEU A 28 1.05 -1.36 -4.38
CA LEU A 28 1.52 -2.70 -4.07
C LEU A 28 0.40 -3.60 -3.55
N LEU A 29 -0.57 -3.06 -2.81
CA LEU A 29 -1.59 -3.90 -2.19
C LEU A 29 -2.89 -3.99 -2.98
N GLY A 30 -3.02 -3.24 -4.06
CA GLY A 30 -4.21 -3.30 -4.87
C GLY A 30 -5.44 -2.62 -4.31
N GLN A 31 -5.31 -1.83 -3.25
CA GLN A 31 -6.47 -1.10 -2.73
C GLN A 31 -6.05 0.17 -2.02
N LYS A 32 -6.96 1.14 -2.00
CA LYS A 32 -6.79 2.35 -1.21
C LYS A 32 -7.58 2.22 0.08
N GLY A 33 -7.04 2.77 1.18
CA GLY A 33 -7.72 2.71 2.44
C GLY A 33 -8.81 3.75 2.54
N CYS A 34 -9.80 3.47 3.38
CA CYS A 34 -10.82 4.45 3.71
C CYS A 34 -11.53 4.01 4.98
N THR A 35 -12.43 4.87 5.46
CA THR A 35 -13.32 4.58 6.57
C THR A 35 -14.76 4.63 6.07
N VAL A 36 -15.51 3.55 6.28
CA VAL A 36 -16.94 3.55 6.02
C VAL A 36 -17.65 3.69 7.37
N TRP A 37 -18.33 4.79 7.57
CA TRP A 37 -18.95 5.07 8.86
C TRP A 37 -20.45 4.96 8.67
N LEU A 38 -21.04 3.90 9.22
CA LEU A 38 -22.48 3.71 9.05
C LEU A 38 -23.22 4.42 10.18
N THR A 39 -24.09 5.36 9.82
CA THR A 39 -24.86 6.09 10.81
C THR A 39 -26.35 5.88 10.57
N GLY A 40 -27.09 5.89 11.67
CA GLY A 40 -28.51 5.69 11.63
C GLY A 40 -29.00 5.24 12.98
N LEU A 41 -30.32 5.06 13.06
CA LEU A 41 -30.93 4.64 14.30
C LEU A 41 -30.38 3.30 14.75
N SER A 42 -30.44 3.07 16.06
CA SER A 42 -29.72 1.93 16.64
C SER A 42 -30.20 0.61 16.06
N ALA A 43 -31.50 0.50 15.78
CA ALA A 43 -32.07 -0.71 15.21
C ALA A 43 -32.30 -0.61 13.70
N SER A 44 -31.65 0.35 13.03
CA SER A 44 -31.80 0.49 11.58
C SER A 44 -31.17 -0.67 10.81
N GLY A 45 -30.43 -1.54 11.49
CA GLY A 45 -29.68 -2.58 10.82
C GLY A 45 -28.29 -2.18 10.39
N LYS A 46 -27.79 -1.02 10.82
CA LYS A 46 -26.47 -0.59 10.40
C LYS A 46 -25.41 -1.62 10.80
N SER A 47 -25.59 -2.26 11.96
CA SER A 47 -24.62 -3.25 12.41
C SER A 47 -24.63 -4.49 11.52
N THR A 48 -25.83 -4.99 11.17
CA THR A 48 -25.92 -6.15 10.28
C THR A 48 -25.30 -5.85 8.92
N ILE A 49 -25.52 -4.63 8.42
CA ILE A 49 -24.91 -4.24 7.16
C ILE A 49 -23.39 -4.16 7.29
N ALA A 50 -22.90 -3.61 8.41
CA ALA A 50 -21.46 -3.51 8.60
C ALA A 50 -20.79 -4.88 8.56
N THR A 51 -21.44 -5.88 9.16
CA THR A 51 -20.87 -7.23 9.13
C THR A 51 -20.96 -7.86 7.75
N ALA A 52 -22.07 -7.64 7.04
CA ALA A 52 -22.22 -8.21 5.71
C ALA A 52 -21.26 -7.57 4.72
N LEU A 53 -21.08 -6.25 4.82
CA LEU A 53 -20.14 -5.54 3.95
C LEU A 53 -18.72 -6.07 4.14
N GLU A 54 -18.30 -6.22 5.41
CA GLU A 54 -16.99 -6.78 5.70
C GLU A 54 -16.84 -8.16 5.07
N GLN A 55 -17.82 -9.03 5.27
CA GLN A 55 -17.69 -10.39 4.76
C GLN A 55 -17.59 -10.41 3.24
N HIS A 56 -18.42 -9.60 2.57
CA HIS A 56 -18.40 -9.52 1.11
C HIS A 56 -17.04 -9.05 0.60
N LEU A 57 -16.43 -8.07 1.29
CA LEU A 57 -15.16 -7.56 0.84
C LEU A 57 -14.07 -8.60 1.05
N LEU A 58 -14.16 -9.36 2.13
CA LEU A 58 -13.21 -10.46 2.33
C LEU A 58 -13.40 -11.55 1.28
N HIS A 59 -14.63 -11.73 0.79
CA HIS A 59 -14.86 -12.69 -0.28
C HIS A 59 -14.18 -12.26 -1.57
N LYS A 60 -14.03 -10.96 -1.77
CA LYS A 60 -13.29 -10.44 -2.91
C LYS A 60 -11.80 -10.44 -2.66
N LYS A 61 -11.36 -11.03 -1.54
CA LYS A 61 -9.96 -11.07 -1.11
C LYS A 61 -9.40 -9.66 -0.83
N LEU A 62 -10.27 -8.72 -0.47
CA LEU A 62 -9.89 -7.37 -0.09
C LEU A 62 -9.77 -7.26 1.44
N HIS A 63 -8.81 -6.47 1.90
CA HIS A 63 -8.65 -6.28 3.33
C HIS A 63 -9.68 -5.29 3.84
N ALA A 64 -10.51 -5.75 4.78
CA ALA A 64 -11.55 -4.92 5.38
C ALA A 64 -11.68 -5.36 6.82
N TYR A 65 -11.95 -4.41 7.70
CA TYR A 65 -12.01 -4.74 9.12
C TYR A 65 -13.07 -3.93 9.84
N ARG A 66 -13.89 -4.60 10.63
CA ARG A 66 -14.95 -3.94 11.38
C ARG A 66 -14.43 -3.53 12.75
N LEU A 67 -14.56 -2.23 13.07
CA LEU A 67 -14.34 -1.72 14.43
C LEU A 67 -15.70 -1.62 15.11
N ASP A 68 -15.87 -2.34 16.21
CA ASP A 68 -17.15 -2.39 16.89
C ASP A 68 -16.94 -2.40 18.40
N GLY A 69 -18.04 -2.44 19.13
CA GLY A 69 -17.94 -2.34 20.58
C GLY A 69 -17.24 -3.50 21.24
N ASP A 70 -17.21 -4.67 20.59
CA ASP A 70 -16.61 -5.83 21.23
C ASP A 70 -15.10 -5.72 21.31
N ASN A 71 -14.43 -5.54 20.15
CA ASN A 71 -12.97 -5.51 20.12
C ASN A 71 -12.36 -4.20 20.63
N ILE A 72 -13.14 -3.14 20.77
CA ILE A 72 -12.62 -1.82 21.11
C ILE A 72 -12.94 -1.43 22.55
N ARG A 73 -14.21 -1.59 22.97
CA ARG A 73 -14.70 -1.01 24.23
C ARG A 73 -14.07 -1.64 25.46
N PHE A 74 -13.55 -2.86 25.36
CA PHE A 74 -12.95 -3.52 26.51
C PHE A 74 -11.49 -3.86 26.33
N GLY A 75 -10.86 -3.36 25.27
CA GLY A 75 -9.42 -3.43 25.15
C GLY A 75 -8.85 -2.02 25.17
N LEU A 76 -8.73 -1.43 23.98
CA LEU A 76 -8.23 -0.06 23.89
C LEU A 76 -8.97 0.88 24.84
N ASN A 77 -10.28 0.75 24.96
CA ASN A 77 -11.10 1.77 25.60
C ASN A 77 -11.67 1.35 26.94
N LYS A 78 -11.08 0.35 27.58
CA LYS A 78 -11.60 -0.16 28.84
C LYS A 78 -11.58 0.88 29.95
N ASP A 79 -10.74 1.92 29.82
CA ASP A 79 -10.65 2.96 30.83
C ASP A 79 -11.77 3.99 30.74
N LEU A 80 -12.62 3.93 29.72
CA LEU A 80 -13.66 4.93 29.51
C LEU A 80 -14.97 4.53 30.18
N GLY A 81 -15.62 5.49 30.81
CA GLY A 81 -16.91 5.25 31.44
C GLY A 81 -18.06 5.59 30.50
N PHE A 82 -19.13 6.20 31.03
CA PHE A 82 -20.34 6.46 30.26
C PHE A 82 -20.81 7.90 30.34
N ASP A 83 -19.99 8.82 30.81
CA ASP A 83 -20.36 10.21 30.81
C ASP A 83 -20.06 10.82 29.43
N GLN A 84 -20.54 12.06 29.23
CA GLN A 84 -20.37 12.76 27.95
C GLN A 84 -18.91 12.76 27.54
N ALA A 85 -18.02 13.09 28.47
CA ALA A 85 -16.60 13.18 28.17
C ALA A 85 -16.05 11.83 27.69
N SER A 86 -16.35 10.77 28.42
CA SER A 86 -15.91 9.45 27.99
C SER A 86 -16.51 9.10 26.64
N ARG A 87 -17.75 9.52 26.40
CA ARG A 87 -18.43 9.16 25.15
C ARG A 87 -17.77 9.84 23.95
N VAL A 88 -17.33 11.10 24.13
CA VAL A 88 -16.64 11.83 23.07
C VAL A 88 -15.24 11.28 22.87
N GLU A 89 -14.54 10.96 23.96
CA GLU A 89 -13.21 10.38 23.81
C GLU A 89 -13.25 9.04 23.07
N ASN A 90 -14.31 8.27 23.29
CA ASN A 90 -14.50 6.99 22.61
C ASN A 90 -14.58 7.15 21.10
N ILE A 91 -15.41 8.10 20.64
CA ILE A 91 -15.52 8.35 19.21
C ILE A 91 -14.23 8.90 18.67
N ARG A 92 -13.53 9.74 19.44
CA ARG A 92 -12.24 10.27 19.00
C ARG A 92 -11.25 9.14 18.75
N ARG A 93 -11.11 8.22 19.72
CA ARG A 93 -10.15 7.14 19.58
C ARG A 93 -10.52 6.21 18.43
N ILE A 94 -11.80 5.89 18.30
CA ILE A 94 -12.25 5.07 17.19
C ILE A 94 -11.97 5.75 15.86
N GLY A 95 -12.19 7.07 15.79
CA GLY A 95 -11.86 7.77 14.57
C GLY A 95 -10.39 7.63 14.21
N GLU A 96 -9.51 7.75 15.21
CA GLU A 96 -8.08 7.69 14.95
C GLU A 96 -7.65 6.29 14.57
N VAL A 97 -8.18 5.27 15.25
CA VAL A 97 -7.81 3.90 14.92
C VAL A 97 -8.31 3.55 13.53
N SER A 98 -9.52 4.01 13.20
CA SER A 98 -10.02 3.81 11.88
C SER A 98 -9.09 4.44 10.85
N LEU A 99 -8.55 5.63 11.13
CA LEU A 99 -7.62 6.27 10.19
C LEU A 99 -6.36 5.42 10.00
N LEU A 100 -5.83 4.86 11.09
CA LEU A 100 -4.65 4.01 10.95
C LEU A 100 -4.94 2.83 10.05
N PHE A 101 -6.11 2.22 10.21
CA PHE A 101 -6.48 1.12 9.33
C PHE A 101 -6.52 1.57 7.89
N ALA A 102 -7.08 2.75 7.64
CA ALA A 102 -7.14 3.26 6.28
C ALA A 102 -5.73 3.56 5.75
N LEU A 103 -4.84 4.06 6.59
CA LEU A 103 -3.46 4.29 6.17
C LEU A 103 -2.77 3.00 5.80
N SER A 104 -3.17 1.89 6.40
CA SER A 104 -2.60 0.60 6.04
C SER A 104 -3.19 0.00 4.77
N SER A 105 -4.08 0.73 4.06
CA SER A 105 -4.76 0.29 2.84
C SER A 105 -5.88 -0.71 3.13
N THR A 106 -6.51 -0.60 4.31
CA THR A 106 -7.63 -1.44 4.71
C THR A 106 -8.92 -0.66 4.60
N ILE A 107 -10.01 -1.33 4.22
CA ILE A 107 -11.32 -0.72 4.24
C ILE A 107 -11.81 -0.83 5.69
N SER A 108 -11.66 0.25 6.46
CA SER A 108 -12.08 0.25 7.86
C SER A 108 -13.59 0.49 7.92
N VAL A 109 -14.31 -0.40 8.60
CA VAL A 109 -15.76 -0.32 8.66
C VAL A 109 -16.21 -0.18 10.11
N THR A 110 -17.07 0.80 10.38
CA THR A 110 -17.65 0.90 11.71
C THR A 110 -19.12 1.30 11.60
N ALA A 111 -19.91 0.78 12.54
CA ALA A 111 -21.30 1.19 12.73
C ALA A 111 -21.50 1.69 14.15
N PHE A 112 -20.43 2.21 14.77
CA PHE A 112 -20.46 2.56 16.18
C PHE A 112 -21.53 3.61 16.50
N ILE A 113 -22.11 3.47 17.70
CA ILE A 113 -23.09 4.43 18.18
C ILE A 113 -22.49 5.83 18.16
N SER A 114 -23.19 6.75 17.50
CA SER A 114 -22.68 8.10 17.35
C SER A 114 -23.80 9.02 16.88
N PRO A 115 -24.71 9.40 17.78
CA PRO A 115 -25.98 10.01 17.36
C PRO A 115 -25.88 11.41 16.83
N TYR A 116 -24.83 12.16 17.14
CA TYR A 116 -24.81 13.57 16.79
C TYR A 116 -24.00 13.81 15.54
N ILE A 117 -24.42 14.82 14.79
CA ILE A 117 -23.69 15.27 13.62
C ILE A 117 -22.25 15.62 13.99
N SER A 118 -22.06 16.19 15.18
CA SER A 118 -20.73 16.57 15.64
C SER A 118 -19.86 15.37 16.01
N ASP A 119 -20.47 14.23 16.36
CA ASP A 119 -19.69 13.00 16.56
C ASP A 119 -19.01 12.59 15.26
N ARG A 120 -19.81 12.43 14.19
CA ARG A 120 -19.23 11.99 12.93
C ARG A 120 -18.30 13.04 12.35
N GLN A 121 -18.53 14.31 12.68
CA GLN A 121 -17.68 15.39 12.17
C GLN A 121 -16.28 15.34 12.76
N LEU A 122 -16.17 14.97 14.04
CA LEU A 122 -14.88 14.84 14.70
C LEU A 122 -13.99 13.86 13.95
N ALA A 123 -14.55 12.68 13.60
CA ALA A 123 -13.80 11.64 12.92
C ALA A 123 -13.55 12.00 11.46
N ARG A 124 -14.51 12.67 10.82
CA ARG A 124 -14.30 13.08 9.43
C ARG A 124 -13.09 14.00 9.31
N GLU A 125 -12.95 14.95 10.23
CA GLU A 125 -11.87 15.92 10.15
C GLU A 125 -10.50 15.26 10.27
N LEU A 126 -10.36 14.31 11.20
CA LEU A 126 -9.13 13.53 11.28
C LEU A 126 -8.71 12.98 9.92
N HIS A 127 -9.69 12.53 9.11
CA HIS A 127 -9.34 11.91 7.83
C HIS A 127 -9.01 12.97 6.79
N GLU A 128 -9.89 13.96 6.63
CA GLU A 128 -9.72 14.96 5.59
C GLU A 128 -8.53 15.89 5.86
N LYS A 129 -8.22 16.15 7.13
CA LYS A 129 -7.06 16.98 7.47
C LYS A 129 -5.74 16.22 7.37
N HIS A 130 -5.76 14.89 7.25
CA HIS A 130 -4.51 14.14 7.11
C HIS A 130 -3.84 14.45 5.79
N SER A 131 -2.51 14.36 5.77
CA SER A 131 -1.79 14.61 4.53
C SER A 131 -2.06 13.53 3.49
N SER A 132 -2.58 12.37 3.88
CA SER A 132 -2.98 11.36 2.91
C SER A 132 -4.36 11.59 2.32
N ALA A 133 -5.11 12.58 2.83
CA ALA A 133 -6.48 12.84 2.38
C ALA A 133 -7.28 11.55 2.25
N ILE A 134 -7.40 10.88 3.38
CA ILE A 134 -8.11 9.60 3.35
C ILE A 134 -9.60 9.87 3.23
N PRO A 135 -10.31 9.18 2.33
CA PRO A 135 -11.75 9.38 2.21
C PRO A 135 -12.48 8.94 3.47
N PHE A 136 -13.48 9.72 3.86
CA PHE A 136 -14.40 9.38 4.95
C PHE A 136 -15.77 9.16 4.32
N ILE A 137 -16.27 7.93 4.37
CA ILE A 137 -17.49 7.59 3.66
C ILE A 137 -18.62 7.38 4.66
N GLU A 138 -19.37 8.46 4.92
CA GLU A 138 -20.49 8.42 5.85
C GLU A 138 -21.72 7.85 5.13
N VAL A 139 -22.31 6.81 5.71
CA VAL A 139 -23.36 6.04 5.05
C VAL A 139 -24.61 6.07 5.92
N PHE A 140 -25.63 6.80 5.47
CA PHE A 140 -26.88 6.95 6.22
C PHE A 140 -27.75 5.72 5.95
N ILE A 141 -27.90 4.88 6.97
CA ILE A 141 -28.83 3.76 6.92
C ILE A 141 -30.14 4.28 7.49
N ASP A 142 -31.05 4.69 6.59
CA ASP A 142 -32.28 5.41 6.91
C ASP A 142 -33.47 4.46 7.05
N ALA A 143 -33.92 4.23 8.27
CA ALA A 143 -35.03 3.31 8.47
C ALA A 143 -36.13 3.94 9.32
N PRO A 144 -37.40 3.65 9.02
CA PRO A 144 -38.54 4.06 9.87
C PRO A 144 -38.44 3.52 11.30
N PRO A 174 -31.05 10.96 21.14
CA PRO A 174 -31.82 11.70 20.14
C PRO A 174 -31.04 11.84 18.83
N TYR A 175 -31.16 10.83 17.97
CA TYR A 175 -30.35 10.75 16.76
C TYR A 175 -30.56 11.97 15.87
N GLU A 176 -29.46 12.47 15.30
CA GLU A 176 -29.47 13.52 14.29
C GLU A 176 -29.00 12.90 12.98
N ALA A 177 -29.74 13.13 11.91
CA ALA A 177 -29.34 12.51 10.66
C ALA A 177 -28.33 13.39 9.91
N PRO A 178 -27.50 12.78 9.05
CA PRO A 178 -26.56 13.58 8.27
C PRO A 178 -27.23 14.36 7.16
N ALA A 179 -26.59 15.48 6.78
CA ALA A 179 -27.15 16.38 5.78
C ALA A 179 -26.74 15.97 4.38
N ASN A 180 -25.42 15.92 4.11
CA ASN A 180 -24.92 15.46 2.83
C ASN A 180 -24.04 14.23 3.05
N PRO A 181 -24.66 13.07 3.32
CA PRO A 181 -23.87 11.84 3.46
C PRO A 181 -23.43 11.32 2.10
N GLU A 182 -22.29 10.62 2.09
CA GLU A 182 -21.78 10.06 0.85
C GLU A 182 -22.76 9.07 0.23
N ILE A 183 -23.48 8.32 1.06
CA ILE A 183 -24.41 7.29 0.61
C ILE A 183 -25.67 7.36 1.46
N HIS A 184 -26.83 7.30 0.82
CA HIS A 184 -28.11 7.32 1.48
C HIS A 184 -28.84 6.04 1.08
N ILE A 185 -29.05 5.14 2.03
CA ILE A 185 -29.70 3.87 1.78
C ILE A 185 -30.99 3.84 2.57
N ARG A 186 -32.11 3.69 1.87
CA ARG A 186 -33.41 3.62 2.52
C ARG A 186 -33.79 2.17 2.77
N THR A 187 -34.04 1.81 4.03
CA THR A 187 -34.24 0.42 4.41
C THR A 187 -35.55 -0.15 3.84
N ASP A 188 -36.56 0.69 3.62
CA ASP A 188 -37.80 0.21 3.04
C ASP A 188 -37.66 -0.09 1.54
N GLU A 189 -36.53 0.25 0.91
CA GLU A 189 -36.33 0.02 -0.51
C GLU A 189 -35.24 -0.99 -0.84
N VAL A 190 -34.32 -1.25 0.08
CA VAL A 190 -33.17 -2.11 -0.19
C VAL A 190 -33.01 -3.10 0.96
N ASP A 191 -32.68 -4.35 0.62
CA ASP A 191 -32.37 -5.38 1.60
C ASP A 191 -30.87 -5.33 1.93
N VAL A 192 -30.43 -6.19 2.85
CA VAL A 192 -29.04 -6.13 3.31
C VAL A 192 -28.07 -6.33 2.15
N ALA A 193 -28.34 -7.30 1.28
CA ALA A 193 -27.44 -7.59 0.17
C ALA A 193 -27.36 -6.45 -0.84
N GLY A 194 -28.47 -5.74 -1.07
CA GLY A 194 -28.42 -4.60 -1.97
C GLY A 194 -27.68 -3.42 -1.35
N ALA A 195 -27.80 -3.25 -0.03
CA ALA A 195 -27.06 -2.18 0.65
C ALA A 195 -25.58 -2.48 0.59
N VAL A 196 -25.21 -3.74 0.78
CA VAL A 196 -23.83 -4.15 0.57
C VAL A 196 -23.39 -3.88 -0.86
N GLU A 197 -24.28 -4.15 -1.84
CA GLU A 197 -23.90 -3.92 -3.24
C GLU A 197 -23.77 -2.44 -3.55
N ILE A 198 -24.69 -1.61 -3.02
CA ILE A 198 -24.58 -0.16 -3.27
C ILE A 198 -23.27 0.37 -2.72
N ILE A 199 -22.90 -0.05 -1.51
CA ILE A 199 -21.67 0.46 -0.89
C ILE A 199 -20.45 -0.03 -1.65
N THR A 200 -20.45 -1.31 -2.01
CA THR A 200 -19.30 -1.88 -2.70
C THR A 200 -19.08 -1.19 -4.04
N LYS A 201 -20.16 -0.89 -4.76
CA LYS A 201 -20.03 -0.23 -6.05
C LYS A 201 -19.47 1.18 -5.89
N TYR A 202 -19.86 1.90 -4.82
CA TYR A 202 -19.29 3.22 -4.52
C TYR A 202 -17.78 3.15 -4.39
N LEU A 203 -17.29 2.15 -3.64
CA LEU A 203 -15.84 1.97 -3.49
C LEU A 203 -15.18 1.76 -4.84
N ALA A 204 -15.75 0.88 -5.66
CA ALA A 204 -15.19 0.63 -6.99
C ALA A 204 -15.30 1.87 -7.85
N ASP A 205 -16.48 2.51 -7.85
CA ASP A 205 -16.65 3.68 -8.70
C ASP A 205 -15.67 4.78 -8.34
N ASN A 206 -15.29 4.90 -7.06
CA ASN A 206 -14.37 5.95 -6.63
C ASN A 206 -12.92 5.51 -6.55
N GLY A 207 -12.58 4.36 -7.14
CA GLY A 207 -11.17 4.02 -7.28
C GLY A 207 -10.51 3.40 -6.06
N LEU A 208 -11.28 2.99 -5.05
CA LEU A 208 -10.71 2.45 -3.81
C LEU A 208 -10.50 0.94 -3.89
N ILE A 209 -11.40 0.23 -4.57
CA ILE A 209 -11.24 -1.19 -4.85
C ILE A 209 -11.33 -1.38 -6.36
N PRO A 210 -10.66 -2.38 -6.91
CA PRO A 210 -10.79 -2.65 -8.35
C PRO A 210 -12.21 -3.01 -8.73
N ALA A 211 -12.57 -2.67 -9.96
CA ALA A 211 -13.88 -3.02 -10.48
C ALA A 211 -13.90 -4.52 -10.75
N ALA B 19 -21.29 -13.57 11.03
CA ALA B 19 -20.01 -12.85 11.07
C ALA B 19 -18.84 -13.78 10.83
N VAL B 20 -17.74 -13.24 10.27
CA VAL B 20 -16.62 -14.04 9.81
C VAL B 20 -15.78 -14.51 11.00
N THR B 21 -15.33 -15.74 10.95
CA THR B 21 -14.48 -16.23 12.02
C THR B 21 -13.02 -15.94 11.72
N GLN B 22 -12.19 -16.07 12.76
CA GLN B 22 -10.79 -15.71 12.61
C GLN B 22 -10.10 -16.60 11.58
N ASP B 23 -10.34 -17.91 11.63
CA ASP B 23 -9.65 -18.81 10.70
C ASP B 23 -10.11 -18.60 9.26
N GLU B 24 -11.40 -18.29 9.06
CA GLU B 24 -11.89 -17.98 7.73
C GLU B 24 -11.28 -16.69 7.18
N ARG B 25 -11.13 -15.67 8.03
CA ARG B 25 -10.49 -14.43 7.59
C ARG B 25 -9.08 -14.70 7.12
N ASP B 26 -8.30 -15.45 7.92
CA ASP B 26 -6.94 -15.80 7.52
C ASP B 26 -6.92 -16.61 6.22
N THR B 27 -7.84 -17.57 6.07
CA THR B 27 -7.91 -18.34 4.83
C THR B 27 -8.23 -17.45 3.64
N LEU B 28 -9.26 -16.62 3.77
CA LEU B 28 -9.65 -15.75 2.68
C LEU B 28 -8.54 -14.79 2.29
N LEU B 29 -7.75 -14.33 3.26
CA LEU B 29 -6.76 -13.30 2.97
C LEU B 29 -5.35 -13.85 2.71
N GLY B 30 -5.12 -15.14 2.89
CA GLY B 30 -3.81 -15.67 2.61
C GLY B 30 -2.72 -15.35 3.61
N GLN B 31 -3.07 -14.84 4.81
CA GLN B 31 -2.07 -14.64 5.84
C GLN B 31 -2.74 -14.65 7.21
N LYS B 32 -1.96 -15.01 8.22
CA LYS B 32 -2.34 -14.91 9.62
C LYS B 32 -1.72 -13.64 10.20
N GLY B 33 -2.48 -12.96 11.05
CA GLY B 33 -1.95 -11.77 11.67
C GLY B 33 -1.03 -12.10 12.83
N CYS B 34 -0.15 -11.16 13.16
CA CYS B 34 0.70 -11.28 14.33
C CYS B 34 1.27 -9.91 14.65
N THR B 35 1.97 -9.80 15.78
CA THR B 35 2.71 -8.60 16.16
C THR B 35 4.19 -8.92 16.18
N VAL B 36 4.99 -8.16 15.43
CA VAL B 36 6.45 -8.22 15.50
C VAL B 36 6.93 -7.01 16.28
N TRP B 37 7.46 -7.27 17.47
CA TRP B 37 7.89 -6.24 18.39
C TRP B 37 9.42 -6.23 18.43
N LEU B 38 10.01 -5.22 17.84
CA LEU B 38 11.47 -5.13 17.80
C LEU B 38 11.94 -4.40 19.05
N THR B 39 12.79 -5.06 19.83
CA THR B 39 13.33 -4.52 21.07
C THR B 39 14.84 -4.46 20.98
N GLY B 40 15.41 -3.48 21.65
CA GLY B 40 16.85 -3.30 21.64
C GLY B 40 17.19 -1.88 22.04
N LEU B 41 18.50 -1.62 22.07
CA LEU B 41 18.99 -0.28 22.42
C LEU B 41 18.48 0.74 21.40
N SER B 42 18.41 1.99 21.85
CA SER B 42 17.73 3.02 21.07
C SER B 42 18.35 3.19 19.69
N ALA B 43 19.68 3.08 19.60
CA ALA B 43 20.37 3.24 18.33
C ALA B 43 20.79 1.90 17.73
N SER B 44 20.18 0.80 18.16
CA SER B 44 20.57 -0.51 17.64
C SER B 44 20.19 -0.72 16.17
N GLY B 45 19.39 0.18 15.59
CA GLY B 45 18.86 -0.01 14.25
C GLY B 45 17.52 -0.71 14.17
N LYS B 46 16.85 -0.93 15.30
CA LYS B 46 15.54 -1.59 15.25
C LYS B 46 14.56 -0.80 14.39
N SER B 47 14.67 0.53 14.42
CA SER B 47 13.76 1.34 13.60
C SER B 47 14.01 1.13 12.11
N THR B 48 15.29 1.10 11.72
CA THR B 48 15.62 0.87 10.32
C THR B 48 15.13 -0.49 9.87
N ILE B 49 15.35 -1.49 10.71
CA ILE B 49 14.89 -2.84 10.37
C ILE B 49 13.36 -2.88 10.30
N ALA B 50 12.67 -2.16 11.21
CA ALA B 50 11.21 -2.16 11.17
C ALA B 50 10.69 -1.64 9.83
N THR B 51 11.30 -0.56 9.33
CA THR B 51 10.86 0.01 8.07
C THR B 51 11.19 -0.89 6.90
N ALA B 52 12.36 -1.53 6.93
CA ALA B 52 12.73 -2.41 5.83
C ALA B 52 11.86 -3.65 5.80
N LEU B 53 11.59 -4.22 6.97
CA LEU B 53 10.73 -5.41 7.04
C LEU B 53 9.37 -5.11 6.45
N GLU B 54 8.79 -3.97 6.85
CA GLU B 54 7.49 -3.58 6.32
C GLU B 54 7.52 -3.50 4.79
N GLN B 55 8.54 -2.82 4.24
CA GLN B 55 8.60 -2.64 2.79
C GLN B 55 8.76 -3.97 2.09
N HIS B 56 9.60 -4.86 2.63
CA HIS B 56 9.77 -6.17 2.01
C HIS B 56 8.45 -6.95 1.98
N LEU B 57 7.68 -6.88 3.07
CA LEU B 57 6.46 -7.67 3.11
C LEU B 57 5.45 -7.08 2.15
N LEU B 58 5.46 -5.75 1.99
CA LEU B 58 4.59 -5.13 0.98
C LEU B 58 5.05 -5.51 -0.43
N HIS B 59 6.35 -5.71 -0.63
CA HIS B 59 6.82 -6.18 -1.93
C HIS B 59 6.30 -7.57 -2.24
N LYS B 60 6.09 -8.38 -1.22
CA LYS B 60 5.48 -9.69 -1.40
C LYS B 60 3.96 -9.60 -1.49
N LYS B 61 3.41 -8.38 -1.51
CA LYS B 61 1.96 -8.13 -1.54
C LYS B 61 1.28 -8.65 -0.28
N LEU B 62 2.04 -8.68 0.83
CA LEU B 62 1.48 -9.04 2.13
C LEU B 62 1.09 -7.76 2.88
N HIS B 63 0.00 -7.83 3.62
CA HIS B 63 -0.41 -6.66 4.41
C HIS B 63 0.44 -6.57 5.67
N ALA B 64 1.15 -5.45 5.81
CA ALA B 64 2.04 -5.21 6.93
C ALA B 64 1.98 -3.73 7.25
N TYR B 65 2.03 -3.38 8.52
CA TYR B 65 1.90 -1.97 8.90
C TYR B 65 2.78 -1.66 10.10
N ARG B 66 3.54 -0.58 10.01
CA ARG B 66 4.43 -0.17 11.08
C ARG B 66 3.71 0.80 12.01
N LEU B 67 3.70 0.50 13.31
CA LEU B 67 3.24 1.43 14.34
C LEU B 67 4.47 2.10 14.97
N ASP B 68 4.54 3.43 14.86
CA ASP B 68 5.69 4.17 15.35
C ASP B 68 5.22 5.47 15.98
N GLY B 69 6.17 6.29 16.44
CA GLY B 69 5.81 7.51 17.13
C GLY B 69 5.11 8.54 16.26
N ASP B 70 5.28 8.48 14.95
CA ASP B 70 4.72 9.54 14.12
C ASP B 70 3.20 9.41 14.04
N ASN B 71 2.71 8.25 13.59
CA ASN B 71 1.29 8.07 13.37
C ASN B 71 0.50 7.85 14.66
N ILE B 72 1.16 7.54 15.77
CA ILE B 72 0.49 7.20 17.02
C ILE B 72 0.61 8.32 18.06
N ARG B 73 1.83 8.83 18.28
CA ARG B 73 2.07 9.68 19.45
C ARG B 73 1.30 10.99 19.40
N PHE B 74 0.90 11.42 18.21
CA PHE B 74 0.20 12.69 18.08
C PHE B 74 -1.19 12.54 17.46
N GLY B 75 -1.69 11.32 17.35
CA GLY B 75 -3.08 11.13 17.00
C GLY B 75 -3.79 10.45 18.15
N LEU B 76 -3.82 9.11 18.12
CA LEU B 76 -4.44 8.36 19.21
C LEU B 76 -3.93 8.81 20.59
N ASN B 77 -2.62 9.07 20.71
CA ASN B 77 -2.00 9.21 22.03
C ASN B 77 -1.59 10.63 22.34
N LYS B 78 -2.18 11.62 21.66
CA LYS B 78 -1.79 13.01 21.86
C LYS B 78 -2.07 13.49 23.28
N ASP B 79 -2.98 12.81 24.02
CA ASP B 79 -3.34 13.18 25.37
C ASP B 79 -2.33 12.73 26.41
N LEU B 80 -1.33 11.94 26.03
CA LEU B 80 -0.37 11.37 26.95
C LEU B 80 0.85 12.27 27.09
N GLY B 81 1.31 12.43 28.33
CA GLY B 81 2.50 13.23 28.62
C GLY B 81 3.76 12.38 28.66
N PHE B 82 4.63 12.64 29.64
CA PHE B 82 5.92 11.93 29.71
C PHE B 82 6.24 11.39 31.09
N ASP B 83 5.26 11.31 31.99
CA ASP B 83 5.49 10.69 33.28
C ASP B 83 5.39 9.17 33.16
N GLN B 84 5.77 8.47 34.23
CA GLN B 84 5.74 7.01 34.23
C GLN B 84 4.36 6.53 33.81
N ALA B 85 3.31 7.13 34.37
CA ALA B 85 1.95 6.71 34.05
C ALA B 85 1.66 6.85 32.56
N SER B 86 2.00 7.99 31.97
CA SER B 86 1.77 8.17 30.55
C SER B 86 2.59 7.17 29.73
N ARG B 87 3.81 6.86 30.19
CA ARG B 87 4.69 5.99 29.42
C ARG B 87 4.13 4.57 29.32
N VAL B 88 3.55 4.08 30.42
CA VAL B 88 2.97 2.74 30.46
C VAL B 88 1.67 2.71 29.68
N GLU B 89 0.85 3.74 29.81
CA GLU B 89 -0.39 3.79 29.05
C GLU B 89 -0.12 3.81 27.54
N ASN B 90 0.98 4.47 27.12
CA ASN B 90 1.36 4.48 25.72
C ASN B 90 1.61 3.07 25.21
N ILE B 91 2.40 2.30 25.95
CA ILE B 91 2.70 0.92 25.55
C ILE B 91 1.44 0.08 25.59
N ARG B 92 0.57 0.30 26.58
CA ARG B 92 -0.68 -0.44 26.63
C ARG B 92 -1.51 -0.21 25.37
N ARG B 93 -1.69 1.07 24.97
CA ARG B 93 -2.50 1.38 23.80
C ARG B 93 -1.88 0.81 22.53
N ILE B 94 -0.57 0.94 22.40
CA ILE B 94 0.10 0.37 21.25
C ILE B 94 -0.08 -1.13 21.21
N GLY B 95 0.01 -1.78 22.36
CA GLY B 95 -0.24 -3.20 22.40
C GLY B 95 -1.63 -3.56 21.90
N GLU B 96 -2.65 -2.80 22.33
CA GLU B 96 -4.02 -3.11 21.95
C GLU B 96 -4.25 -2.84 20.47
N VAL B 97 -3.69 -1.73 19.96
CA VAL B 97 -3.82 -1.42 18.55
C VAL B 97 -3.08 -2.43 17.72
N SER B 98 -1.90 -2.84 18.18
CA SER B 98 -1.19 -3.88 17.46
C SER B 98 -2.05 -5.13 17.35
N LEU B 99 -2.74 -5.50 18.44
CA LEU B 99 -3.58 -6.68 18.43
C LEU B 99 -4.71 -6.54 17.42
N LEU B 100 -5.31 -5.34 17.33
CA LEU B 100 -6.39 -5.14 16.36
C LEU B 100 -5.88 -5.39 14.95
N PHE B 101 -4.71 -4.86 14.62
CA PHE B 101 -4.14 -5.10 13.29
C PHE B 101 -3.92 -6.58 13.05
N ALA B 102 -3.43 -7.30 14.06
CA ALA B 102 -3.21 -8.72 13.91
C ALA B 102 -4.54 -9.47 13.75
N LEU B 103 -5.60 -9.02 14.44
CA LEU B 103 -6.91 -9.64 14.25
C LEU B 103 -7.42 -9.42 12.83
N SER B 104 -7.05 -8.31 12.20
CA SER B 104 -7.42 -8.04 10.82
C SER B 104 -6.56 -8.80 9.80
N SER B 105 -5.63 -9.66 10.25
CA SER B 105 -4.73 -10.47 9.42
C SER B 105 -3.59 -9.65 8.84
N THR B 106 -3.19 -8.59 9.52
CA THR B 106 -2.07 -7.78 9.11
C THR B 106 -0.88 -8.15 9.97
N ILE B 107 0.31 -8.09 9.37
CA ILE B 107 1.58 -8.24 10.09
C ILE B 107 1.86 -6.89 10.72
N SER B 108 1.53 -6.72 12.01
CA SER B 108 1.74 -5.48 12.73
C SER B 108 3.19 -5.43 13.23
N VAL B 109 3.92 -4.36 12.88
CA VAL B 109 5.35 -4.22 13.18
C VAL B 109 5.56 -2.95 14.01
N THR B 110 6.26 -3.08 15.13
CA THR B 110 6.60 -1.91 15.94
C THR B 110 8.02 -2.02 16.47
N ALA B 111 8.69 -0.87 16.57
CA ALA B 111 9.99 -0.75 17.23
C ALA B 111 9.91 0.26 18.36
N PHE B 112 8.72 0.45 18.93
CA PHE B 112 8.51 1.52 19.89
C PHE B 112 9.43 1.38 21.10
N ILE B 113 9.87 2.54 21.61
CA ILE B 113 10.70 2.54 22.82
C ILE B 113 9.96 1.83 23.95
N SER B 114 10.63 0.85 24.56
CA SER B 114 10.03 0.02 25.60
C SER B 114 11.14 -0.71 26.36
N PRO B 115 11.86 -0.01 27.24
CA PRO B 115 13.12 -0.55 27.76
C PRO B 115 12.97 -1.72 28.73
N TYR B 116 11.82 -1.90 29.34
CA TYR B 116 11.70 -2.89 30.40
C TYR B 116 11.07 -4.18 29.91
N ILE B 117 11.47 -5.27 30.55
CA ILE B 117 10.87 -6.57 30.26
C ILE B 117 9.36 -6.52 30.51
N SER B 118 8.94 -5.77 31.52
CA SER B 118 7.52 -5.63 31.86
C SER B 118 6.75 -4.81 30.84
N ASP B 119 7.44 -3.93 30.11
CA ASP B 119 6.80 -3.23 29.00
C ASP B 119 6.35 -4.23 27.93
N ARG B 120 7.28 -5.06 27.47
CA ARG B 120 6.93 -6.02 26.43
C ARG B 120 5.99 -7.09 26.97
N GLN B 121 6.05 -7.38 28.27
CA GLN B 121 5.17 -8.40 28.83
C GLN B 121 3.72 -7.95 28.82
N LEU B 122 3.48 -6.66 29.09
CA LEU B 122 2.14 -6.10 29.03
C LEU B 122 1.50 -6.38 27.68
N ALA B 123 2.24 -6.14 26.60
CA ALA B 123 1.71 -6.34 25.25
C ALA B 123 1.61 -7.82 24.92
N ARG B 124 2.58 -8.62 25.35
CA ARG B 124 2.55 -10.04 25.04
C ARG B 124 1.30 -10.69 25.60
N GLU B 125 0.91 -10.35 26.84
CA GLU B 125 -0.26 -10.96 27.47
C GLU B 125 -1.53 -10.65 26.72
N LEU B 126 -1.70 -9.38 26.29
CA LEU B 126 -2.85 -9.04 25.45
C LEU B 126 -3.00 -10.02 24.29
N HIS B 127 -1.89 -10.44 23.69
CA HIS B 127 -1.97 -11.31 22.52
C HIS B 127 -2.23 -12.76 22.92
N GLU B 128 -1.45 -13.27 23.87
CA GLU B 128 -1.56 -14.67 24.27
C GLU B 128 -2.87 -14.96 25.02
N LYS B 129 -3.39 -14.01 25.79
CA LYS B 129 -4.64 -14.25 26.48
C LYS B 129 -5.86 -14.11 25.57
N HIS B 130 -5.71 -13.52 24.38
CA HIS B 130 -6.85 -13.37 23.47
C HIS B 130 -7.34 -14.74 23.03
N SER B 131 -8.63 -14.81 22.68
CA SER B 131 -9.21 -16.07 22.22
C SER B 131 -8.67 -16.49 20.85
N SER B 132 -8.11 -15.57 20.08
CA SER B 132 -7.45 -15.92 18.83
C SER B 132 -6.03 -16.39 19.03
N ALA B 133 -5.51 -16.33 20.25
CA ALA B 133 -4.13 -16.70 20.55
C ALA B 133 -3.16 -16.15 19.48
N ILE B 134 -3.14 -14.84 19.37
CA ILE B 134 -2.34 -14.21 18.31
C ILE B 134 -0.86 -14.32 18.67
N PRO B 135 0.01 -14.71 17.75
CA PRO B 135 1.45 -14.77 18.09
C PRO B 135 2.00 -13.38 18.37
N PHE B 136 2.83 -13.31 19.41
CA PHE B 136 3.61 -12.12 19.76
C PHE B 136 5.06 -12.49 19.48
N ILE B 137 5.65 -11.85 18.49
CA ILE B 137 6.99 -12.22 18.04
C ILE B 137 7.99 -11.16 18.46
N GLU B 138 8.62 -11.36 19.63
CA GLU B 138 9.61 -10.42 20.14
C GLU B 138 10.97 -10.68 19.50
N VAL B 139 11.55 -9.62 18.93
CA VAL B 139 12.75 -9.71 18.11
C VAL B 139 13.84 -8.84 18.72
N PHE B 140 14.87 -9.48 19.27
CA PHE B 140 15.97 -8.77 19.93
C PHE B 140 16.96 -8.31 18.87
N ILE B 141 17.00 -7.00 18.64
CA ILE B 141 18.03 -6.38 17.80
C ILE B 141 19.17 -6.04 18.75
N ASP B 142 20.18 -6.92 18.81
CA ASP B 142 21.26 -6.89 19.81
C ASP B 142 22.50 -6.19 19.25
N ALA B 143 22.79 -4.99 19.76
CA ALA B 143 23.89 -4.18 19.26
C ALA B 143 24.83 -3.78 20.38
N PRO B 144 26.14 -3.69 20.10
CA PRO B 144 27.20 -3.21 21.00
C PRO B 144 26.98 -1.79 21.54
N PRO B 174 17.56 2.71 31.17
CA PRO B 174 18.41 1.54 31.41
C PRO B 174 17.79 0.27 30.83
N TYR B 175 18.11 -0.01 29.56
CA TYR B 175 17.49 -1.10 28.82
C TYR B 175 17.68 -2.45 29.49
N GLU B 176 16.62 -3.26 29.47
CA GLU B 176 16.66 -4.65 29.94
C GLU B 176 16.49 -5.58 28.76
N ALA B 177 17.37 -6.56 28.63
CA ALA B 177 17.22 -7.37 27.44
C ALA B 177 16.21 -8.50 27.67
N PRO B 178 15.59 -9.01 26.62
CA PRO B 178 14.64 -10.11 26.79
C PRO B 178 15.37 -11.41 27.11
N ALA B 179 14.67 -12.30 27.79
CA ALA B 179 15.29 -13.54 28.24
C ALA B 179 15.27 -14.58 27.13
N ASN B 180 14.08 -14.98 26.68
CA ASN B 180 13.91 -15.93 25.57
C ASN B 180 13.11 -15.25 24.47
N PRO B 181 13.73 -14.37 23.69
CA PRO B 181 13.00 -13.74 22.59
C PRO B 181 12.77 -14.76 21.49
N GLU B 182 11.67 -14.56 20.74
CA GLU B 182 11.36 -15.46 19.64
C GLU B 182 12.48 -15.47 18.62
N ILE B 183 13.11 -14.32 18.40
CA ILE B 183 14.17 -14.16 17.40
C ILE B 183 15.28 -13.31 18.01
N HIS B 184 16.52 -13.74 17.81
CA HIS B 184 17.68 -13.03 18.31
C HIS B 184 18.59 -12.70 17.13
N ILE B 185 18.71 -11.42 16.80
CA ILE B 185 19.53 -10.96 15.68
C ILE B 185 20.68 -10.15 16.24
N ARG B 186 21.90 -10.59 16.00
CA ARG B 186 23.09 -9.88 16.47
C ARG B 186 23.58 -8.98 15.34
N THR B 187 23.62 -7.68 15.62
CA THR B 187 23.88 -6.68 14.59
C THR B 187 25.33 -6.73 14.07
N ASP B 188 26.27 -7.24 14.88
CA ASP B 188 27.67 -7.36 14.45
C ASP B 188 27.86 -8.45 13.40
N GLU B 189 26.84 -9.29 13.16
CA GLU B 189 26.93 -10.42 12.25
C GLU B 189 26.01 -10.32 11.06
N VAL B 190 24.97 -9.47 11.11
CA VAL B 190 23.92 -9.43 10.10
C VAL B 190 23.66 -7.98 9.70
N ASP B 191 23.45 -7.73 8.41
CA ASP B 191 23.06 -6.43 7.90
C ASP B 191 21.54 -6.31 7.88
N VAL B 192 21.03 -5.13 7.48
CA VAL B 192 19.58 -4.91 7.54
C VAL B 192 18.85 -5.94 6.69
N ALA B 193 19.35 -6.19 5.48
CA ALA B 193 18.67 -7.13 4.59
C ALA B 193 18.71 -8.55 5.13
N GLY B 194 19.79 -8.90 5.85
CA GLY B 194 19.83 -10.21 6.48
C GLY B 194 18.88 -10.32 7.66
N ALA B 195 18.68 -9.22 8.41
CA ALA B 195 17.71 -9.25 9.51
C ALA B 195 16.29 -9.36 8.98
N VAL B 196 15.98 -8.64 7.89
CA VAL B 196 14.70 -8.78 7.22
C VAL B 196 14.48 -10.22 6.77
N GLU B 197 15.54 -10.85 6.23
CA GLU B 197 15.39 -12.20 5.74
C GLU B 197 15.15 -13.18 6.88
N ILE B 198 15.87 -13.04 8.00
CA ILE B 198 15.64 -13.96 9.11
C ILE B 198 14.22 -13.84 9.63
N ILE B 199 13.71 -12.61 9.74
CA ILE B 199 12.37 -12.42 10.29
C ILE B 199 11.32 -12.97 9.32
N THR B 200 11.47 -12.66 8.02
CA THR B 200 10.52 -13.15 7.05
C THR B 200 10.48 -14.67 7.02
N LYS B 201 11.65 -15.30 7.12
CA LYS B 201 11.74 -16.74 7.13
C LYS B 201 11.05 -17.33 8.35
N TYR B 202 11.18 -16.65 9.51
CA TYR B 202 10.46 -17.08 10.72
C TYR B 202 8.96 -17.06 10.48
N LEU B 203 8.47 -15.98 9.87
CA LEU B 203 7.05 -15.87 9.57
C LEU B 203 6.59 -17.02 8.68
N ALA B 204 7.33 -17.29 7.60
CA ALA B 204 6.99 -18.38 6.71
C ALA B 204 7.09 -19.73 7.41
N ASP B 205 8.19 -19.96 8.15
CA ASP B 205 8.37 -21.24 8.83
C ASP B 205 7.26 -21.53 9.82
N ASN B 206 6.70 -20.50 10.45
CA ASN B 206 5.67 -20.68 11.46
C ASN B 206 4.25 -20.52 10.91
N GLY B 207 4.09 -20.51 9.58
CA GLY B 207 2.78 -20.58 8.96
C GLY B 207 1.98 -19.29 8.84
N LEU B 208 2.60 -18.13 9.09
CA LEU B 208 1.88 -16.86 9.09
C LEU B 208 1.78 -16.24 7.71
N ILE B 209 2.80 -16.43 6.89
CA ILE B 209 2.82 -15.97 5.49
C ILE B 209 3.14 -17.16 4.59
N PRO B 210 2.71 -17.09 3.33
CA PRO B 210 3.04 -18.19 2.39
C PRO B 210 4.53 -18.33 2.24
N ALA B 211 4.97 -19.56 2.00
CA ALA B 211 6.38 -19.81 1.73
C ALA B 211 6.70 -19.33 0.32
N ALA C 19 4.68 -24.40 -31.01
CA ALA C 19 5.21 -23.24 -30.30
C ALA C 19 4.13 -22.21 -30.03
N VAL C 20 4.33 -21.40 -28.98
CA VAL C 20 3.29 -20.49 -28.51
C VAL C 20 3.17 -19.29 -29.46
N THR C 21 1.95 -18.85 -29.71
CA THR C 21 1.73 -17.70 -30.55
C THR C 21 1.78 -16.41 -29.74
N GLN C 22 1.91 -15.29 -30.45
CA GLN C 22 2.05 -14.01 -29.77
C GLN C 22 0.83 -13.69 -28.93
N ASP C 23 -0.37 -13.93 -29.47
CA ASP C 23 -1.59 -13.62 -28.73
C ASP C 23 -1.78 -14.56 -27.55
N GLU C 24 -1.37 -15.82 -27.70
CA GLU C 24 -1.41 -16.74 -26.56
C GLU C 24 -0.46 -16.33 -25.45
N ARG C 25 0.75 -15.85 -25.81
CA ARG C 25 1.68 -15.39 -24.79
C ARG C 25 1.11 -14.22 -24.01
N ASP C 26 0.60 -13.20 -24.71
CA ASP C 26 0.02 -12.03 -24.04
C ASP C 26 -1.13 -12.44 -23.14
N THR C 27 -1.99 -13.35 -23.62
CA THR C 27 -3.12 -13.80 -22.82
C THR C 27 -2.62 -14.48 -21.54
N LEU C 28 -1.68 -15.41 -21.67
CA LEU C 28 -1.18 -16.15 -20.51
C LEU C 28 -0.53 -15.25 -19.48
N LEU C 29 0.16 -14.20 -19.91
CA LEU C 29 0.97 -13.37 -19.01
C LEU C 29 0.26 -12.10 -18.57
N GLY C 30 -0.92 -11.82 -19.09
CA GLY C 30 -1.67 -10.67 -18.63
C GLY C 30 -1.20 -9.31 -19.12
N GLN C 31 -0.31 -9.26 -20.12
CA GLN C 31 0.10 -7.98 -20.68
C GLN C 31 0.57 -8.18 -22.12
N LYS C 32 0.47 -7.10 -22.89
CA LYS C 32 1.05 -7.03 -24.22
C LYS C 32 2.36 -6.27 -24.14
N GLY C 33 3.35 -6.71 -24.90
CA GLY C 33 4.62 -6.02 -24.90
C GLY C 33 4.62 -4.77 -25.74
N CYS C 34 5.54 -3.85 -25.42
CA CYS C 34 5.74 -2.66 -26.24
C CYS C 34 7.08 -2.03 -25.91
N THR C 35 7.43 -0.99 -26.65
CA THR C 35 8.60 -0.18 -26.37
C THR C 35 8.13 1.24 -26.05
N VAL C 36 8.51 1.73 -24.87
CA VAL C 36 8.29 3.13 -24.53
C VAL C 36 9.63 3.84 -24.70
N TRP C 37 9.73 4.69 -25.70
CA TRP C 37 10.98 5.36 -26.05
C TRP C 37 10.89 6.81 -25.62
N LEU C 38 11.63 7.17 -24.59
CA LEU C 38 11.57 8.53 -24.06
C LEU C 38 12.60 9.39 -24.77
N THR C 39 12.11 10.45 -25.41
CA THR C 39 12.93 11.38 -26.16
C THR C 39 12.84 12.78 -25.57
N GLY C 40 13.95 13.50 -25.65
CA GLY C 40 14.01 14.84 -25.11
C GLY C 40 15.45 15.27 -24.88
N LEU C 41 15.58 16.51 -24.43
CA LEU C 41 16.89 17.08 -24.16
C LEU C 41 17.60 16.27 -23.08
N SER C 42 18.94 16.34 -23.08
CA SER C 42 19.73 15.42 -22.28
C SER C 42 19.41 15.54 -20.78
N ALA C 43 19.17 16.76 -20.31
CA ALA C 43 18.83 16.99 -18.92
C ALA C 43 17.34 17.22 -18.69
N SER C 44 16.47 16.81 -19.63
CA SER C 44 15.04 17.04 -19.46
C SER C 44 14.42 16.20 -18.33
N GLY C 45 15.18 15.25 -17.75
CA GLY C 45 14.65 14.33 -16.79
C GLY C 45 14.06 13.07 -17.38
N LYS C 46 14.23 12.84 -18.69
CA LYS C 46 13.69 11.63 -19.29
C LYS C 46 14.25 10.39 -18.61
N SER C 47 15.52 10.44 -18.17
CA SER C 47 16.10 9.31 -17.47
C SER C 47 15.41 9.08 -16.12
N THR C 48 15.18 10.16 -15.38
CA THR C 48 14.49 10.03 -14.09
C THR C 48 13.10 9.48 -14.27
N ILE C 49 12.39 9.98 -15.28
CA ILE C 49 11.06 9.44 -15.55
C ILE C 49 11.14 7.97 -15.94
N ALA C 50 12.15 7.60 -16.75
CA ALA C 50 12.29 6.22 -17.20
C ALA C 50 12.43 5.27 -16.02
N THR C 51 13.19 5.67 -15.00
CA THR C 51 13.40 4.82 -13.84
C THR C 51 12.13 4.74 -12.98
N ALA C 52 11.42 5.86 -12.84
CA ALA C 52 10.21 5.88 -12.04
C ALA C 52 9.10 5.06 -12.69
N LEU C 53 8.98 5.16 -14.02
CA LEU C 53 7.99 4.39 -14.74
C LEU C 53 8.20 2.89 -14.51
N GLU C 54 9.44 2.43 -14.66
CA GLU C 54 9.74 1.03 -14.44
C GLU C 54 9.32 0.60 -13.03
N GLN C 55 9.71 1.39 -12.02
CA GLN C 55 9.42 1.00 -10.66
C GLN C 55 7.92 0.95 -10.41
N HIS C 56 7.19 1.93 -10.93
CA HIS C 56 5.75 1.91 -10.75
C HIS C 56 5.14 0.65 -11.38
N LEU C 57 5.62 0.26 -12.57
CA LEU C 57 5.00 -0.88 -13.23
C LEU C 57 5.35 -2.16 -12.50
N LEU C 58 6.56 -2.24 -11.94
CA LEU C 58 6.90 -3.42 -11.13
C LEU C 58 6.07 -3.46 -9.84
N HIS C 59 5.71 -2.29 -9.32
CA HIS C 59 4.80 -2.23 -8.17
C HIS C 59 3.43 -2.77 -8.51
N LYS C 60 3.04 -2.63 -9.77
CA LYS C 60 1.81 -3.22 -10.24
C LYS C 60 1.98 -4.68 -10.57
N LYS C 61 3.17 -5.23 -10.28
CA LYS C 61 3.52 -6.62 -10.60
C LYS C 61 3.52 -6.87 -12.12
N LEU C 62 3.80 -5.83 -12.91
CA LEU C 62 3.96 -5.94 -14.36
C LEU C 62 5.42 -6.09 -14.74
N HIS C 63 5.68 -6.85 -15.80
CA HIS C 63 7.06 -6.97 -16.26
C HIS C 63 7.42 -5.74 -17.10
N ALA C 64 8.46 -5.03 -16.65
CA ALA C 64 8.96 -3.83 -17.31
C ALA C 64 10.47 -3.82 -17.10
N TYR C 65 11.21 -3.36 -18.12
CA TYR C 65 12.67 -3.37 -18.02
C TYR C 65 13.25 -2.14 -18.70
N ARG C 66 14.17 -1.47 -18.03
CA ARG C 66 14.81 -0.27 -18.57
C ARG C 66 16.07 -0.66 -19.33
N LEU C 67 16.16 -0.23 -20.58
CA LEU C 67 17.40 -0.33 -21.35
C LEU C 67 18.12 1.01 -21.30
N ASP C 68 19.33 1.01 -20.75
CA ASP C 68 20.10 2.24 -20.62
C ASP C 68 21.57 1.95 -20.91
N GLY C 69 22.41 2.98 -20.78
CA GLY C 69 23.82 2.84 -21.12
C GLY C 69 24.60 1.91 -20.21
N ASP C 70 24.12 1.70 -18.97
CA ASP C 70 24.91 0.91 -18.03
C ASP C 70 24.91 -0.55 -18.45
N ASN C 71 23.72 -1.15 -18.58
CA ASN C 71 23.65 -2.57 -18.90
C ASN C 71 23.93 -2.88 -20.38
N ILE C 72 23.89 -1.88 -21.27
CA ILE C 72 23.99 -2.11 -22.70
C ILE C 72 25.35 -1.66 -23.26
N ARG C 73 25.79 -0.45 -22.92
CA ARG C 73 26.93 0.14 -23.60
C ARG C 73 28.22 -0.62 -23.38
N PHE C 74 28.32 -1.37 -22.28
CA PHE C 74 29.57 -2.08 -21.98
C PHE C 74 29.40 -3.59 -21.89
N GLY C 75 28.28 -4.12 -22.35
CA GLY C 75 28.18 -5.55 -22.55
C GLY C 75 27.96 -5.86 -24.01
N LEU C 76 26.70 -5.90 -24.40
CA LEU C 76 26.35 -6.12 -25.79
C LEU C 76 27.11 -5.19 -26.72
N ASN C 77 27.27 -3.91 -26.35
CA ASN C 77 27.73 -2.89 -27.28
C ASN C 77 29.14 -2.41 -26.95
N LYS C 78 29.91 -3.22 -26.22
CA LYS C 78 31.26 -2.80 -25.84
C LYS C 78 32.16 -2.60 -27.04
N ASP C 79 31.85 -3.23 -28.18
CA ASP C 79 32.65 -3.13 -29.39
C ASP C 79 32.42 -1.84 -30.16
N LEU C 80 31.46 -1.01 -29.75
CA LEU C 80 31.11 0.20 -30.48
C LEU C 80 31.92 1.39 -29.96
N GLY C 81 32.37 2.23 -30.88
CA GLY C 81 33.11 3.44 -30.53
C GLY C 81 32.20 4.65 -30.43
N PHE C 82 32.63 5.81 -30.94
CA PHE C 82 31.88 7.05 -30.84
C PHE C 82 31.75 7.81 -32.15
N ASP C 83 32.05 7.19 -33.27
CA ASP C 83 31.87 7.84 -34.55
C ASP C 83 30.40 7.74 -34.98
N GLN C 84 30.06 8.41 -36.08
CA GLN C 84 28.69 8.39 -36.57
C GLN C 84 28.21 6.96 -36.73
N ALA C 85 29.04 6.11 -37.32
CA ALA C 85 28.67 4.73 -37.56
C ALA C 85 28.37 3.99 -36.24
N SER C 86 29.24 4.10 -35.25
CA SER C 86 29.00 3.43 -33.97
C SER C 86 27.71 3.92 -33.34
N ARG C 87 27.43 5.23 -33.46
CA ARG C 87 26.26 5.81 -32.81
C ARG C 87 24.96 5.28 -33.44
N VAL C 88 24.95 5.08 -34.75
CA VAL C 88 23.77 4.54 -35.43
C VAL C 88 23.61 3.06 -35.11
N GLU C 89 24.70 2.29 -35.16
CA GLU C 89 24.61 0.87 -34.86
C GLU C 89 24.16 0.64 -33.42
N ASN C 90 24.58 1.51 -32.52
CA ASN C 90 24.12 1.45 -31.13
C ASN C 90 22.60 1.56 -31.07
N ILE C 91 22.04 2.56 -31.75
CA ILE C 91 20.60 2.73 -31.71
C ILE C 91 19.91 1.57 -32.40
N ARG C 92 20.50 1.05 -33.48
CA ARG C 92 19.90 -0.11 -34.13
C ARG C 92 19.82 -1.29 -33.17
N ARG C 93 20.93 -1.61 -32.47
CA ARG C 93 20.93 -2.77 -31.60
C ARG C 93 19.94 -2.60 -30.45
N ILE C 94 19.92 -1.41 -29.85
CA ILE C 94 18.97 -1.13 -28.78
C ILE C 94 17.54 -1.24 -29.28
N GLY C 95 17.28 -0.73 -30.48
CA GLY C 95 15.96 -0.91 -31.06
C GLY C 95 15.57 -2.38 -31.19
N GLU C 96 16.52 -3.22 -31.64
CA GLU C 96 16.21 -4.64 -31.83
C GLU C 96 16.01 -5.34 -30.49
N VAL C 97 16.86 -5.06 -29.51
CA VAL C 97 16.73 -5.69 -28.20
C VAL C 97 15.43 -5.29 -27.56
N SER C 98 15.08 -4.02 -27.72
CA SER C 98 13.81 -3.54 -27.21
C SER C 98 12.66 -4.36 -27.80
N LEU C 99 12.73 -4.64 -29.10
CA LEU C 99 11.70 -5.43 -29.76
C LEU C 99 11.60 -6.83 -29.16
N LEU C 100 12.74 -7.45 -28.88
CA LEU C 100 12.72 -8.78 -28.27
C LEU C 100 12.01 -8.74 -26.91
N PHE C 101 12.35 -7.76 -26.08
CA PHE C 101 11.67 -7.63 -24.81
C PHE C 101 10.18 -7.44 -25.01
N ALA C 102 9.81 -6.65 -26.01
CA ALA C 102 8.39 -6.45 -26.28
C ALA C 102 7.74 -7.74 -26.77
N LEU C 103 8.45 -8.52 -27.58
CA LEU C 103 7.92 -9.81 -28.02
C LEU C 103 7.73 -10.76 -26.85
N SER C 104 8.54 -10.62 -25.81
CA SER C 104 8.40 -11.45 -24.63
C SER C 104 7.25 -11.02 -23.71
N SER C 105 6.49 -9.99 -24.11
CA SER C 105 5.36 -9.41 -23.35
C SER C 105 5.84 -8.55 -22.18
N THR C 106 7.00 -7.93 -22.31
CA THR C 106 7.56 -7.02 -21.33
C THR C 106 7.38 -5.58 -21.81
N ILE C 107 7.15 -4.67 -20.87
CA ILE C 107 7.12 -3.25 -21.16
C ILE C 107 8.58 -2.79 -21.20
N SER C 108 9.13 -2.67 -22.40
CA SER C 108 10.52 -2.24 -22.58
C SER C 108 10.61 -0.71 -22.55
N VAL C 109 11.43 -0.16 -21.66
CA VAL C 109 11.53 1.29 -21.46
C VAL C 109 12.96 1.72 -21.75
N THR C 110 13.12 2.76 -22.56
CA THR C 110 14.45 3.33 -22.79
C THR C 110 14.40 4.85 -22.85
N ALA C 111 15.45 5.49 -22.35
CA ALA C 111 15.62 6.92 -22.50
C ALA C 111 16.93 7.22 -23.19
N PHE C 112 17.41 6.26 -24.00
CA PHE C 112 18.73 6.39 -24.57
C PHE C 112 18.87 7.64 -25.43
N ILE C 113 20.06 8.23 -25.37
CA ILE C 113 20.35 9.41 -26.20
C ILE C 113 20.13 9.09 -27.65
N SER C 114 19.32 9.90 -28.32
CA SER C 114 18.92 9.67 -29.70
C SER C 114 18.36 10.98 -30.25
N PRO C 115 19.23 11.93 -30.56
CA PRO C 115 18.76 13.30 -30.82
C PRO C 115 18.03 13.50 -32.14
N TYR C 116 18.20 12.61 -33.12
CA TYR C 116 17.64 12.86 -34.43
C TYR C 116 16.34 12.12 -34.64
N ILE C 117 15.46 12.73 -35.44
CA ILE C 117 14.21 12.08 -35.80
C ILE C 117 14.50 10.75 -36.50
N SER C 118 15.57 10.70 -37.29
CA SER C 118 15.89 9.47 -37.98
C SER C 118 16.36 8.38 -37.04
N ASP C 119 16.90 8.76 -35.87
CA ASP C 119 17.24 7.77 -34.85
C ASP C 119 15.99 7.05 -34.37
N ARG C 120 14.98 7.82 -33.93
CA ARG C 120 13.78 7.19 -33.43
C ARG C 120 13.03 6.47 -34.52
N GLN C 121 13.18 6.92 -35.78
CA GLN C 121 12.52 6.27 -36.89
C GLN C 121 13.11 4.90 -37.19
N LEU C 122 14.43 4.77 -37.07
CA LEU C 122 15.06 3.47 -37.26
C LEU C 122 14.44 2.42 -36.34
N ALA C 123 14.29 2.77 -35.07
CA ALA C 123 13.75 1.84 -34.07
C ALA C 123 12.25 1.64 -34.23
N ARG C 124 11.51 2.70 -34.56
CA ARG C 124 10.08 2.55 -34.77
C ARG C 124 9.79 1.56 -35.90
N GLU C 125 10.55 1.60 -36.99
CA GLU C 125 10.27 0.73 -38.13
C GLU C 125 10.45 -0.74 -37.78
N LEU C 126 11.51 -1.08 -37.04
CA LEU C 126 11.65 -2.45 -36.57
C LEU C 126 10.36 -2.97 -35.93
N HIS C 127 9.68 -2.12 -35.14
CA HIS C 127 8.49 -2.59 -34.42
C HIS C 127 7.28 -2.66 -35.33
N GLU C 128 7.02 -1.60 -36.08
CA GLU C 128 5.82 -1.54 -36.90
C GLU C 128 5.87 -2.55 -38.06
N LYS C 129 7.07 -2.82 -38.59
CA LYS C 129 7.19 -3.80 -39.67
C LYS C 129 7.17 -5.25 -39.18
N HIS C 130 7.34 -5.49 -37.88
CA HIS C 130 7.31 -6.86 -37.39
C HIS C 130 5.93 -7.47 -37.59
N SER C 131 5.89 -8.79 -37.76
CA SER C 131 4.61 -9.46 -37.93
C SER C 131 3.74 -9.40 -36.66
N SER C 132 4.34 -9.13 -35.50
CA SER C 132 3.52 -8.94 -34.30
C SER C 132 3.00 -7.52 -34.18
N ALA C 133 3.37 -6.63 -35.09
CA ALA C 133 2.95 -5.22 -35.07
C ALA C 133 3.03 -4.62 -33.66
N ILE C 134 4.25 -4.59 -33.13
CA ILE C 134 4.45 -4.13 -31.76
C ILE C 134 4.32 -2.62 -31.68
N PRO C 135 3.61 -2.09 -30.70
CA PRO C 135 3.55 -0.63 -30.55
C PRO C 135 4.89 -0.03 -30.19
N PHE C 136 5.21 1.10 -30.82
CA PHE C 136 6.38 1.90 -30.48
C PHE C 136 5.84 3.19 -29.89
N ILE C 137 6.05 3.40 -28.60
CA ILE C 137 5.43 4.53 -27.94
C ILE C 137 6.47 5.60 -27.64
N GLU C 138 6.61 6.54 -28.57
CA GLU C 138 7.55 7.64 -28.44
C GLU C 138 6.95 8.70 -27.54
N VAL C 139 7.67 9.05 -26.48
CA VAL C 139 7.18 9.92 -25.42
C VAL C 139 8.10 11.13 -25.36
N PHE C 140 7.59 12.28 -25.78
CA PHE C 140 8.37 13.50 -25.80
C PHE C 140 8.36 14.09 -24.40
N ILE C 141 9.51 14.07 -23.74
CA ILE C 141 9.67 14.77 -22.48
C ILE C 141 10.16 16.16 -22.85
N ASP C 142 9.22 17.11 -22.93
CA ASP C 142 9.45 18.46 -23.43
C ASP C 142 9.72 19.42 -22.26
N ALA C 143 10.97 19.84 -22.12
CA ALA C 143 11.35 20.73 -21.04
C ALA C 143 12.09 21.94 -21.60
N PRO C 144 11.90 23.13 -21.00
CA PRO C 144 12.64 24.36 -21.31
C PRO C 144 14.16 24.23 -21.20
N PRO C 174 22.66 18.64 -31.43
CA PRO C 174 21.50 19.45 -31.82
C PRO C 174 20.19 18.64 -31.87
N TYR C 175 19.49 18.56 -30.73
CA TYR C 175 18.30 17.74 -30.63
C TYR C 175 17.23 18.15 -31.63
N GLU C 176 16.55 17.17 -32.22
CA GLU C 176 15.39 17.40 -33.06
C GLU C 176 14.14 16.87 -32.35
N ALA C 177 13.06 17.69 -32.31
CA ALA C 177 11.92 17.16 -31.58
C ALA C 177 11.03 16.30 -32.47
N PRO C 178 10.27 15.37 -31.91
CA PRO C 178 9.37 14.54 -32.72
C PRO C 178 8.17 15.32 -33.23
N ALA C 179 7.63 14.86 -34.36
CA ALA C 179 6.52 15.57 -34.97
C ALA C 179 5.19 15.20 -34.32
N ASN C 180 4.82 13.91 -34.41
CA ASN C 180 3.57 13.41 -33.81
C ASN C 180 3.90 12.30 -32.81
N PRO C 181 4.41 12.67 -31.62
CA PRO C 181 4.72 11.64 -30.63
C PRO C 181 3.43 11.09 -30.03
N GLU C 182 3.49 9.82 -29.60
CA GLU C 182 2.32 9.22 -28.99
C GLU C 182 1.89 9.97 -27.73
N ILE C 183 2.86 10.49 -26.97
CA ILE C 183 2.61 11.17 -25.70
C ILE C 183 3.51 12.39 -25.62
N HIS C 184 2.94 13.54 -25.23
CA HIS C 184 3.67 14.79 -25.10
C HIS C 184 3.53 15.28 -23.67
N ILE C 185 4.65 15.31 -22.94
CA ILE C 185 4.67 15.71 -21.53
C ILE C 185 5.49 16.98 -21.38
N ARG C 186 4.86 18.06 -20.93
CA ARG C 186 5.55 19.33 -20.72
C ARG C 186 6.01 19.41 -19.26
N THR C 187 7.31 19.60 -19.07
CA THR C 187 7.90 19.53 -17.73
C THR C 187 7.46 20.72 -16.87
N ASP C 188 7.15 21.86 -17.49
CA ASP C 188 6.71 23.03 -16.73
C ASP C 188 5.33 22.83 -16.12
N GLU C 189 4.63 21.75 -16.48
CA GLU C 189 3.27 21.50 -16.05
C GLU C 189 3.10 20.25 -15.20
N VAL C 190 4.02 19.28 -15.27
CA VAL C 190 3.84 18.01 -14.59
C VAL C 190 5.13 17.60 -13.87
N ASP C 191 4.98 17.01 -12.68
CA ASP C 191 6.10 16.44 -11.94
C ASP C 191 6.33 15.01 -12.39
N VAL C 192 7.36 14.36 -11.83
CA VAL C 192 7.74 13.02 -12.30
C VAL C 192 6.59 12.04 -12.11
N ALA C 193 5.93 12.06 -10.94
CA ALA C 193 4.87 11.09 -10.69
C ALA C 193 3.67 11.31 -11.60
N GLY C 194 3.39 12.56 -11.98
CA GLY C 194 2.31 12.80 -12.92
C GLY C 194 2.66 12.32 -14.32
N ALA C 195 3.94 12.39 -14.69
CA ALA C 195 4.36 11.85 -15.99
C ALA C 195 4.25 10.34 -16.01
N VAL C 196 4.64 9.68 -14.91
CA VAL C 196 4.48 8.24 -14.79
C VAL C 196 3.02 7.86 -14.94
N GLU C 197 2.12 8.65 -14.34
CA GLU C 197 0.70 8.34 -14.40
C GLU C 197 0.15 8.52 -15.80
N ILE C 198 0.56 9.59 -16.51
CA ILE C 198 0.08 9.76 -17.88
C ILE C 198 0.50 8.58 -18.73
N ILE C 199 1.76 8.15 -18.59
CA ILE C 199 2.22 7.06 -19.43
C ILE C 199 1.51 5.77 -19.06
N THR C 200 1.40 5.48 -17.76
CA THR C 200 0.71 4.28 -17.31
C THR C 200 -0.74 4.28 -17.80
N LYS C 201 -1.40 5.44 -17.73
CA LYS C 201 -2.78 5.53 -18.17
C LYS C 201 -2.89 5.27 -19.67
N TYR C 202 -1.91 5.78 -20.45
CA TYR C 202 -1.85 5.47 -21.89
C TYR C 202 -1.75 3.98 -22.15
N LEU C 203 -0.88 3.28 -21.40
CA LEU C 203 -0.71 1.85 -21.60
C LEU C 203 -2.02 1.11 -21.38
N ALA C 204 -2.69 1.41 -20.26
CA ALA C 204 -3.97 0.78 -19.95
C ALA C 204 -5.05 1.20 -20.95
N ASP C 205 -5.10 2.50 -21.28
CA ASP C 205 -6.12 2.97 -22.22
C ASP C 205 -6.00 2.26 -23.56
N ASN C 206 -4.80 1.88 -23.97
CA ASN C 206 -4.61 1.20 -25.25
C ASN C 206 -4.52 -0.32 -25.11
N GLY C 207 -4.88 -0.88 -23.95
CA GLY C 207 -5.01 -2.32 -23.79
C GLY C 207 -3.74 -3.10 -23.53
N LEU C 208 -2.62 -2.43 -23.21
CA LEU C 208 -1.35 -3.11 -23.05
C LEU C 208 -1.15 -3.68 -21.65
N ILE C 209 -1.68 -2.99 -20.64
CA ILE C 209 -1.66 -3.45 -19.26
C ILE C 209 -3.11 -3.49 -18.77
N PRO C 210 -3.46 -4.35 -17.82
CA PRO C 210 -4.84 -4.33 -17.32
C PRO C 210 -5.13 -2.99 -16.67
N ALA C 211 -6.41 -2.61 -16.71
CA ALA C 211 -6.84 -1.36 -16.10
C ALA C 211 -6.81 -1.42 -14.57
#